data_6QWO
#
_entry.id   6QWO
#
_cell.length_a   46.433
_cell.length_b   121.709
_cell.length_c   159.531
_cell.angle_alpha   90.00
_cell.angle_beta   90.00
_cell.angle_gamma   90.00
#
_symmetry.space_group_name_H-M   'C 2 2 21'
#
loop_
_entity.id
_entity.type
_entity.pdbx_description
1 polymer 'Oxygen-binding diiron protein'
2 non-polymer 'ZINC ION'
3 water water
#
_entity_poly.entity_id   1
_entity_poly.type   'polypeptide(L)'
_entity_poly.pdbx_seq_one_letter_code
;MFENEILFDNGQHKFMFLGWEEKEEEIVQTNQYLILDGNEGILLDPGGAHVFPRVMSNVAEVVDLSSIRHIFYTHQDPDV
TSGILLWLSICENAKIYISSLWVRFLPHFGIYDQKRIVPISDKGTKIKLLSGNELEILPAHFLHSTGNFVLYDPVAKILF
SGDIGAAVFEKGKRYRYVDDFERHLPLMEAFHKRYMSSNAACKKWVDMVSKKKIDMIAPQHGAVFRGESVKKFLEWFRNL
KCGVDLIDNLYSL
;
_entity_poly.pdbx_strand_id   A,B
#
# COMPACT_ATOMS: atom_id res chain seq x y z
N MET A 1 -27.96 3.91 14.14
CA MET A 1 -27.16 2.86 14.78
C MET A 1 -25.66 3.19 14.64
N PHE A 2 -24.88 2.13 14.40
CA PHE A 2 -23.43 2.17 14.20
C PHE A 2 -22.67 2.54 15.49
N GLU A 3 -23.05 1.90 16.60
CA GLU A 3 -22.27 1.89 17.82
C GLU A 3 -21.40 0.66 17.81
N ASN A 4 -20.55 0.49 18.81
CA ASN A 4 -19.87 -0.79 19.02
C ASN A 4 -20.91 -1.90 19.10
N GLU A 5 -20.64 -3.00 18.41
CA GLU A 5 -21.54 -4.15 18.36
C GLU A 5 -20.77 -5.42 18.63
N ILE A 6 -21.41 -6.37 19.31
CA ILE A 6 -20.77 -7.62 19.68
C ILE A 6 -21.08 -8.66 18.62
N LEU A 7 -20.04 -9.15 17.93
CA LEU A 7 -20.21 -10.23 16.96
C LEU A 7 -20.21 -11.59 17.63
N PHE A 8 -19.46 -11.74 18.70
CA PHE A 8 -19.36 -13.01 19.42
C PHE A 8 -19.08 -12.71 20.87
N ASP A 9 -19.65 -13.50 21.77
CA ASP A 9 -19.41 -13.33 23.19
C ASP A 9 -19.67 -14.68 23.83
N ASN A 10 -18.68 -15.24 24.54
CA ASN A 10 -18.94 -16.41 25.37
C ASN A 10 -18.55 -16.16 26.82
N GLY A 11 -18.50 -14.91 27.24
CA GLY A 11 -18.03 -14.54 28.56
C GLY A 11 -16.54 -14.32 28.62
N GLN A 12 -15.77 -15.36 28.31
CA GLN A 12 -14.31 -15.26 28.37
C GLN A 12 -13.74 -14.52 27.15
N HIS A 13 -14.44 -14.55 26.03
CA HIS A 13 -13.89 -14.12 24.76
C HIS A 13 -14.97 -13.36 24.00
N LYS A 14 -14.62 -12.17 23.53
CA LYS A 14 -15.54 -11.34 22.77
C LYS A 14 -14.85 -10.84 21.51
N PHE A 15 -15.66 -10.68 20.48
CA PHE A 15 -15.23 -10.15 19.18
C PHE A 15 -16.17 -9.00 18.87
N MET A 16 -15.65 -7.77 18.80
CA MET A 16 -16.49 -6.59 18.68
C MET A 16 -16.23 -5.86 17.37
N PHE A 17 -17.31 -5.41 16.77
CA PHE A 17 -17.32 -4.62 15.55
C PHE A 17 -17.46 -3.17 16.02
N LEU A 18 -16.36 -2.41 15.96
CA LEU A 18 -16.36 -1.06 16.53
C LEU A 18 -17.26 -0.14 15.72
N GLY A 19 -17.68 0.96 16.36
CA GLY A 19 -18.63 1.88 15.75
C GLY A 19 -18.07 2.63 14.56
N TRP A 20 -18.99 3.31 13.87
CA TRP A 20 -18.74 4.07 12.65
C TRP A 20 -18.91 5.57 12.87
N GLU A 21 -18.41 6.35 11.92
CA GLU A 21 -18.81 7.75 11.86
C GLU A 21 -20.32 7.80 11.66
N GLU A 22 -20.99 8.77 12.30
CA GLU A 22 -22.45 8.80 12.16
C GLU A 22 -22.86 9.31 10.79
N LYS A 23 -22.12 10.25 10.23
CA LYS A 23 -22.43 10.80 8.92
C LYS A 23 -21.31 10.48 7.94
N GLU A 24 -21.69 10.26 6.68
CA GLU A 24 -20.71 9.95 5.66
C GLU A 24 -19.81 11.15 5.42
N GLU A 25 -18.51 10.91 5.35
CA GLU A 25 -17.53 11.95 5.09
C GLU A 25 -16.77 11.59 3.80
N GLU A 26 -15.97 12.52 3.32
CA GLU A 26 -15.24 12.32 2.08
C GLU A 26 -13.94 11.58 2.39
N ILE A 27 -14.10 10.27 2.63
CA ILE A 27 -13.01 9.39 3.03
C ILE A 27 -13.54 7.98 2.84
N VAL A 28 -12.68 7.03 2.47
CA VAL A 28 -13.15 5.66 2.27
C VAL A 28 -13.65 5.08 3.58
N GLN A 29 -14.82 4.47 3.54
CA GLN A 29 -15.40 3.83 4.72
C GLN A 29 -14.55 2.65 5.18
N THR A 30 -14.34 2.53 6.50
CA THR A 30 -13.50 1.49 7.07
C THR A 30 -14.14 0.90 8.32
N ASN A 31 -13.80 -0.36 8.62
CA ASN A 31 -14.23 -1.06 9.82
C ASN A 31 -13.02 -1.41 10.68
N GLN A 32 -13.18 -1.30 11.99
CA GLN A 32 -12.18 -1.70 12.97
C GLN A 32 -12.81 -2.70 13.93
N TYR A 33 -12.00 -3.63 14.43
CA TYR A 33 -12.47 -4.70 15.30
C TYR A 33 -11.61 -4.81 16.56
N LEU A 34 -12.24 -5.29 17.62
CA LEU A 34 -11.59 -5.49 18.90
C LEU A 34 -11.93 -6.88 19.41
N ILE A 35 -10.92 -7.67 19.71
CA ILE A 35 -11.10 -8.96 20.35
C ILE A 35 -10.67 -8.81 21.79
N LEU A 36 -11.51 -9.27 22.71
CA LEU A 36 -11.16 -9.32 24.12
C LEU A 36 -11.12 -10.77 24.54
N ASP A 37 -10.07 -11.14 25.25
CA ASP A 37 -9.84 -12.51 25.68
C ASP A 37 -9.27 -12.43 27.07
N GLY A 38 -10.04 -12.83 28.06
CA GLY A 38 -9.65 -12.55 29.44
C GLY A 38 -9.44 -11.06 29.61
N ASN A 39 -8.24 -10.66 30.04
CA ASN A 39 -7.98 -9.25 30.29
C ASN A 39 -7.16 -8.58 29.19
N GLU A 40 -6.95 -9.23 28.05
CA GLU A 40 -6.12 -8.63 27.02
C GLU A 40 -6.91 -8.35 25.76
N GLY A 41 -6.53 -7.29 25.06
CA GLY A 41 -7.21 -6.82 23.88
C GLY A 41 -6.36 -6.98 22.63
N ILE A 42 -7.04 -7.21 21.51
CA ILE A 42 -6.41 -7.29 20.20
C ILE A 42 -7.16 -6.37 19.26
N LEU A 43 -6.43 -5.45 18.62
CA LEU A 43 -7.02 -4.55 17.63
C LEU A 43 -6.73 -5.10 16.23
N LEU A 44 -7.74 -5.10 15.38
CA LEU A 44 -7.62 -5.53 13.99
C LEU A 44 -7.74 -4.32 13.09
N ASP A 45 -6.68 -4.04 12.31
CA ASP A 45 -6.60 -2.90 11.40
C ASP A 45 -7.21 -1.64 12.04
N PRO A 46 -6.71 -1.20 13.21
CA PRO A 46 -7.37 -0.06 13.88
C PRO A 46 -7.35 1.23 13.08
N GLY A 47 -6.50 1.37 12.07
CA GLY A 47 -6.78 2.31 11.01
C GLY A 47 -5.88 3.53 10.98
N GLY A 48 -6.36 4.53 10.25
CA GLY A 48 -5.54 5.67 9.91
C GLY A 48 -5.53 6.72 10.98
N ALA A 49 -4.67 7.72 10.76
CA ALA A 49 -4.49 8.79 11.74
C ALA A 49 -5.77 9.60 11.89
N HIS A 50 -6.45 9.91 10.79
CA HIS A 50 -7.61 10.80 10.89
C HIS A 50 -8.72 10.20 11.76
N VAL A 51 -8.98 8.90 11.63
CA VAL A 51 -10.04 8.30 12.44
C VAL A 51 -9.57 7.94 13.83
N PHE A 52 -8.29 8.12 14.13
CA PHE A 52 -7.75 7.67 15.41
C PHE A 52 -8.51 8.18 16.62
N PRO A 53 -8.85 9.47 16.75
CA PRO A 53 -9.58 9.90 17.96
C PRO A 53 -10.89 9.16 18.15
N ARG A 54 -11.63 8.92 17.06
CA ARG A 54 -12.92 8.24 17.17
C ARG A 54 -12.73 6.77 17.54
N VAL A 55 -11.80 6.08 16.87
CA VAL A 55 -11.57 4.66 17.14
C VAL A 55 -11.02 4.49 18.55
N MET A 56 -10.14 5.39 18.96
CA MET A 56 -9.58 5.30 20.31
C MET A 56 -10.68 5.41 21.35
N SER A 57 -11.63 6.32 21.13
CA SER A 57 -12.73 6.47 22.09
C SER A 57 -13.67 5.25 22.05
N ASN A 58 -13.93 4.68 20.87
CA ASN A 58 -14.67 3.43 20.82
C ASN A 58 -13.99 2.33 21.62
N VAL A 59 -12.65 2.24 21.53
CA VAL A 59 -11.95 1.19 22.26
C VAL A 59 -11.98 1.47 23.76
N ALA A 60 -11.71 2.72 24.14
CA ALA A 60 -11.58 3.07 25.54
C ALA A 60 -12.87 2.87 26.32
N GLU A 61 -14.02 2.97 25.66
CA GLU A 61 -15.23 2.70 26.43
C GLU A 61 -15.46 1.22 26.67
N VAL A 62 -14.68 0.34 26.05
CA VAL A 62 -14.83 -1.09 26.25
C VAL A 62 -13.70 -1.67 27.11
N VAL A 63 -12.48 -1.13 27.01
CA VAL A 63 -11.35 -1.72 27.71
C VAL A 63 -10.32 -0.62 27.95
N ASP A 64 -9.54 -0.78 29.02
CA ASP A 64 -8.42 0.12 29.24
C ASP A 64 -7.41 -0.04 28.10
N LEU A 65 -6.91 1.07 27.59
CA LEU A 65 -6.02 1.01 26.45
C LEU A 65 -4.71 0.32 26.77
N SER A 66 -4.29 0.31 28.04
CA SER A 66 -3.08 -0.40 28.43
C SER A 66 -3.25 -1.92 28.43
N SER A 67 -4.47 -2.42 28.25
CA SER A 67 -4.69 -3.85 28.14
C SER A 67 -4.64 -4.35 26.69
N ILE A 68 -4.51 -3.45 25.72
CA ILE A 68 -4.27 -3.86 24.33
C ILE A 68 -2.84 -4.40 24.24
N ARG A 69 -2.71 -5.70 24.05
CA ARG A 69 -1.40 -6.35 23.97
C ARG A 69 -0.96 -6.63 22.54
N HIS A 70 -1.89 -6.63 21.58
CA HIS A 70 -1.59 -7.01 20.22
C HIS A 70 -2.37 -6.15 19.24
N ILE A 71 -1.70 -5.71 18.18
CA ILE A 71 -2.34 -4.96 17.10
C ILE A 71 -1.95 -5.65 15.80
N PHE A 72 -2.96 -6.07 15.02
CA PHE A 72 -2.73 -6.80 13.78
C PHE A 72 -3.00 -5.88 12.59
N TYR A 73 -2.03 -5.79 11.68
CA TYR A 73 -2.18 -5.02 10.44
C TYR A 73 -2.18 -6.01 9.27
N THR A 74 -3.29 -6.05 8.52
CA THR A 74 -3.36 -6.97 7.37
C THR A 74 -2.32 -6.62 6.30
N HIS A 75 -2.11 -5.33 6.05
CA HIS A 75 -1.19 -4.87 5.01
C HIS A 75 -0.81 -3.42 5.30
N GLN A 76 -0.28 -2.73 4.29
CA GLN A 76 0.46 -1.48 4.49
C GLN A 76 -0.36 -0.21 4.23
N ASP A 77 -1.59 -0.33 3.75
CA ASP A 77 -2.33 0.80 3.18
C ASP A 77 -2.64 1.89 4.21
N PRO A 78 -2.87 3.12 3.75
CA PRO A 78 -3.09 4.22 4.70
C PRO A 78 -4.32 4.05 5.56
N ASP A 79 -5.37 3.44 5.04
CA ASP A 79 -6.58 3.19 5.81
C ASP A 79 -6.38 2.12 6.87
N VAL A 80 -5.22 1.48 6.92
CA VAL A 80 -4.91 0.45 7.90
C VAL A 80 -3.85 0.92 8.90
N THR A 81 -2.73 1.45 8.38
CA THR A 81 -1.50 1.64 9.16
C THR A 81 -1.20 3.08 9.53
N SER A 82 -1.86 4.09 8.94
CA SER A 82 -1.29 5.43 9.09
C SER A 82 -1.49 6.02 10.50
N GLY A 83 -2.28 5.39 11.36
CA GLY A 83 -2.31 5.80 12.76
C GLY A 83 -1.30 5.13 13.67
N ILE A 84 -0.30 4.45 13.10
CA ILE A 84 0.56 3.55 13.88
C ILE A 84 1.25 4.28 15.03
N LEU A 85 1.76 5.50 14.78
CA LEU A 85 2.46 6.21 15.85
C LEU A 85 1.51 6.52 17.01
N LEU A 86 0.28 6.88 16.68
CA LEU A 86 -0.71 7.20 17.70
C LEU A 86 -1.07 5.96 18.51
N TRP A 87 -1.25 4.81 17.83
CA TRP A 87 -1.57 3.58 18.55
C TRP A 87 -0.41 3.11 19.41
N LEU A 88 0.83 3.21 18.88
CA LEU A 88 2.00 2.84 19.68
C LEU A 88 2.12 3.70 20.93
N SER A 89 1.71 4.96 20.84
CA SER A 89 1.82 5.88 21.95
C SER A 89 0.75 5.65 23.01
N ILE A 90 -0.49 5.42 22.60
CA ILE A 90 -1.60 5.31 23.56
C ILE A 90 -1.76 3.90 24.10
N CYS A 91 -1.30 2.89 23.38
CA CYS A 91 -1.34 1.50 23.82
C CYS A 91 0.09 1.10 24.14
N GLU A 92 0.57 1.49 25.33
CA GLU A 92 1.99 1.30 25.62
C GLU A 92 2.38 -0.18 25.66
N ASN A 93 1.41 -1.09 25.81
CA ASN A 93 1.71 -2.51 25.92
C ASN A 93 1.44 -3.28 24.64
N ALA A 94 1.20 -2.60 23.53
CA ALA A 94 0.81 -3.31 22.32
C ALA A 94 2.03 -3.67 21.48
N LYS A 95 2.03 -4.91 20.99
CA LYS A 95 2.92 -5.33 19.92
C LYS A 95 2.15 -5.28 18.60
N ILE A 96 2.88 -4.97 17.54
CA ILE A 96 2.29 -4.79 16.22
C ILE A 96 2.77 -5.92 15.32
N TYR A 97 1.82 -6.59 14.66
CA TYR A 97 2.12 -7.68 13.76
C TYR A 97 1.80 -7.23 12.34
N ILE A 98 2.80 -7.34 11.45
CA ILE A 98 2.61 -6.99 10.04
C ILE A 98 3.53 -7.86 9.20
N SER A 99 3.13 -8.06 7.94
CA SER A 99 3.96 -8.77 6.96
C SER A 99 5.41 -8.31 7.04
N SER A 100 6.32 -9.28 6.94
CA SER A 100 7.74 -8.95 6.84
C SER A 100 8.03 -8.02 5.65
N LEU A 101 7.19 -8.04 4.62
CA LEU A 101 7.39 -7.16 3.47
C LEU A 101 7.29 -5.68 3.84
N TRP A 102 6.64 -5.34 4.96
CA TRP A 102 6.37 -3.94 5.30
C TRP A 102 7.08 -3.45 6.55
N VAL A 103 7.81 -4.32 7.28
CA VAL A 103 8.38 -3.90 8.55
C VAL A 103 9.35 -2.74 8.38
N ARG A 104 10.14 -2.76 7.30
CA ARG A 104 11.09 -1.67 7.00
C ARG A 104 10.45 -0.48 6.32
N PHE A 105 9.16 -0.56 6.00
CA PHE A 105 8.45 0.57 5.42
C PHE A 105 7.77 1.43 6.47
N LEU A 106 7.30 0.82 7.56
CA LEU A 106 6.66 1.57 8.64
C LEU A 106 7.54 2.66 9.25
N PRO A 107 8.87 2.50 9.41
CA PRO A 107 9.67 3.61 9.96
C PRO A 107 9.59 4.89 9.14
N HIS A 108 9.02 4.84 7.94
CA HIS A 108 8.80 6.07 7.17
C HIS A 108 7.77 6.99 7.81
N PHE A 109 6.89 6.46 8.67
CA PHE A 109 5.95 7.32 9.39
C PHE A 109 6.63 8.20 10.43
N GLY A 110 7.71 7.74 11.01
CA GLY A 110 8.28 8.41 12.16
C GLY A 110 9.02 7.42 13.04
N ILE A 111 9.53 7.93 14.14
CA ILE A 111 10.37 7.16 15.03
C ILE A 111 9.52 6.44 16.08
N TYR A 112 9.87 5.19 16.35
CA TYR A 112 9.23 4.38 17.38
C TYR A 112 10.19 3.24 17.68
N ASP A 113 9.90 2.49 18.74
CA ASP A 113 10.74 1.35 19.11
C ASP A 113 10.40 0.22 18.14
N GLN A 114 11.31 -0.06 17.20
CA GLN A 114 11.00 -1.04 16.15
C GLN A 114 10.98 -2.47 16.67
N LYS A 115 11.45 -2.71 17.89
CA LYS A 115 11.31 -4.04 18.48
C LYS A 115 9.87 -4.34 18.88
N ARG A 116 8.97 -3.35 18.87
CA ARG A 116 7.55 -3.60 19.14
C ARG A 116 6.80 -4.13 17.92
N ILE A 117 7.48 -4.32 16.79
CA ILE A 117 6.87 -4.80 15.55
C ILE A 117 7.32 -6.25 15.36
N VAL A 118 6.36 -7.15 15.14
CA VAL A 118 6.60 -8.57 14.92
C VAL A 118 6.40 -8.86 13.44
N PRO A 119 7.44 -9.21 12.70
CA PRO A 119 7.24 -9.56 11.28
C PRO A 119 6.47 -10.86 11.15
N ILE A 120 5.58 -10.90 10.15
CA ILE A 120 4.85 -12.12 9.83
C ILE A 120 5.44 -12.72 8.58
N SER A 121 5.96 -13.94 8.70
CA SER A 121 6.45 -14.68 7.54
C SER A 121 5.29 -15.03 6.63
N ASP A 122 5.60 -15.28 5.34
CA ASP A 122 4.57 -15.36 4.30
C ASP A 122 3.50 -16.41 4.59
N LYS A 123 3.89 -17.56 5.12
CA LYS A 123 2.92 -18.64 5.31
C LYS A 123 2.04 -18.45 6.55
N GLY A 124 2.25 -17.39 7.32
CA GLY A 124 1.39 -17.05 8.44
C GLY A 124 2.02 -17.39 9.78
N THR A 125 1.24 -17.16 10.82
CA THR A 125 1.67 -17.38 12.20
C THR A 125 0.43 -17.49 13.09
N LYS A 126 0.67 -17.68 14.39
CA LYS A 126 -0.38 -17.67 15.40
C LYS A 126 -0.01 -16.70 16.50
N ILE A 127 -1.00 -15.95 16.98
CA ILE A 127 -0.86 -15.16 18.20
C ILE A 127 -1.29 -16.00 19.39
N LYS A 128 -0.36 -16.23 20.31
CA LYS A 128 -0.61 -16.97 21.55
C LYS A 128 -1.12 -16.00 22.61
N LEU A 129 -2.35 -16.20 23.07
CA LEU A 129 -2.91 -15.36 24.10
C LEU A 129 -2.65 -15.94 25.50
N LEU A 130 -2.66 -15.06 26.50
CA LEU A 130 -2.28 -15.46 27.85
C LEU A 130 -3.17 -16.57 28.40
N SER A 131 -4.44 -16.61 27.97
CA SER A 131 -5.40 -17.62 28.41
C SER A 131 -5.14 -18.99 27.78
N GLY A 132 -4.29 -19.07 26.77
CA GLY A 132 -4.12 -20.28 26.00
C GLY A 132 -4.88 -20.33 24.70
N ASN A 133 -5.82 -19.41 24.48
CA ASN A 133 -6.46 -19.28 23.18
C ASN A 133 -5.48 -18.73 22.13
N GLU A 134 -5.81 -18.97 20.85
CA GLU A 134 -4.96 -18.59 19.74
C GLU A 134 -5.74 -17.79 18.71
N LEU A 135 -5.02 -16.94 17.99
CA LEU A 135 -5.50 -16.31 16.77
C LEU A 135 -4.59 -16.73 15.62
N GLU A 136 -5.19 -17.16 14.50
CA GLU A 136 -4.45 -17.65 13.35
C GLU A 136 -4.35 -16.52 12.32
N ILE A 137 -3.11 -16.16 11.98
CA ILE A 137 -2.82 -15.22 10.90
C ILE A 137 -2.58 -16.04 9.64
N LEU A 138 -3.43 -15.88 8.65
CA LEU A 138 -3.34 -16.76 7.50
C LEU A 138 -2.97 -15.96 6.26
N PRO A 139 -2.20 -16.55 5.33
CA PRO A 139 -1.79 -15.80 4.13
C PRO A 139 -2.98 -15.41 3.27
N ALA A 140 -2.89 -14.23 2.67
CA ALA A 140 -3.93 -13.75 1.76
C ALA A 140 -3.29 -12.82 0.73
N HIS A 141 -2.09 -13.19 0.27
CA HIS A 141 -1.27 -12.29 -0.52
C HIS A 141 -1.89 -12.00 -1.88
N PHE A 142 -1.75 -10.73 -2.29
CA PHE A 142 -2.22 -10.19 -3.56
C PHE A 142 -3.73 -10.00 -3.59
N LEU A 143 -4.38 -9.96 -2.42
CA LEU A 143 -5.83 -9.73 -2.30
C LEU A 143 -6.09 -8.61 -1.29
N HIS A 144 -5.69 -7.36 -1.60
CA HIS A 144 -5.06 -6.98 -2.86
C HIS A 144 -3.54 -6.84 -2.70
N SER A 145 -3.09 -6.52 -1.50
CA SER A 145 -1.67 -6.19 -1.33
C SER A 145 -0.78 -7.41 -1.50
N THR A 146 0.41 -7.21 -2.08
CA THR A 146 1.39 -8.29 -2.22
C THR A 146 1.77 -8.90 -0.89
N GLY A 147 1.75 -8.11 0.19
CA GLY A 147 1.96 -8.66 1.52
C GLY A 147 0.72 -8.48 2.36
N ASN A 148 -0.11 -9.52 2.48
CA ASN A 148 -1.47 -9.36 2.99
C ASN A 148 -1.88 -10.61 3.74
N PHE A 149 -2.48 -10.40 4.92
CA PHE A 149 -2.91 -11.49 5.78
C PHE A 149 -4.33 -11.26 6.24
N VAL A 150 -4.99 -12.37 6.58
CA VAL A 150 -6.27 -12.34 7.28
C VAL A 150 -6.06 -12.99 8.64
N LEU A 151 -7.05 -12.84 9.51
CA LEU A 151 -6.96 -13.37 10.86
C LEU A 151 -8.23 -14.17 11.14
N TYR A 152 -8.05 -15.40 11.56
CA TYR A 152 -9.14 -16.31 11.90
C TYR A 152 -9.17 -16.52 13.41
N ASP A 153 -10.33 -16.27 14.02
CA ASP A 153 -10.50 -16.42 15.46
C ASP A 153 -11.19 -17.76 15.69
N PRO A 154 -10.46 -18.81 16.05
CA PRO A 154 -11.10 -20.14 16.14
C PRO A 154 -12.08 -20.27 17.29
N VAL A 155 -12.01 -19.41 18.31
CA VAL A 155 -13.04 -19.41 19.35
C VAL A 155 -14.34 -18.78 18.85
N ALA A 156 -14.25 -17.58 18.28
CA ALA A 156 -15.47 -16.95 17.80
C ALA A 156 -15.97 -17.54 16.50
N LYS A 157 -15.13 -18.32 15.80
CA LYS A 157 -15.39 -18.80 14.44
C LYS A 157 -15.68 -17.64 13.48
N ILE A 158 -14.85 -16.60 13.58
CA ILE A 158 -14.96 -15.40 12.77
C ILE A 158 -13.67 -15.22 12.00
N LEU A 159 -13.79 -14.99 10.69
CA LEU A 159 -12.67 -14.64 9.84
C LEU A 159 -12.66 -13.13 9.63
N PHE A 160 -11.62 -12.45 10.12
CA PHE A 160 -11.37 -11.06 9.76
C PHE A 160 -10.64 -11.05 8.43
N SER A 161 -11.30 -10.60 7.38
CA SER A 161 -10.85 -10.84 6.01
C SER A 161 -10.10 -9.68 5.39
N GLY A 162 -9.91 -8.58 6.12
CA GLY A 162 -9.22 -7.45 5.51
C GLY A 162 -10.02 -6.87 4.35
N ASP A 163 -9.32 -6.55 3.28
CA ASP A 163 -9.99 -5.97 2.12
C ASP A 163 -10.86 -6.97 1.37
N ILE A 164 -10.66 -8.27 1.58
CA ILE A 164 -11.53 -9.26 0.96
C ILE A 164 -12.92 -9.13 1.54
N GLY A 165 -13.92 -9.05 0.67
CA GLY A 165 -15.29 -8.86 1.10
C GLY A 165 -15.73 -7.42 1.22
N ALA A 166 -14.87 -6.47 0.86
CA ALA A 166 -15.20 -5.06 0.91
C ALA A 166 -16.43 -4.75 0.06
N ALA A 167 -17.19 -3.77 0.50
CA ALA A 167 -18.34 -3.28 -0.26
C ALA A 167 -18.29 -1.76 -0.23
N VAL A 168 -18.63 -1.16 -1.37
CA VAL A 168 -18.74 0.28 -1.50
C VAL A 168 -20.22 0.62 -1.41
N PHE A 169 -20.61 1.27 -0.31
CA PHE A 169 -22.01 1.58 -0.07
C PHE A 169 -22.50 2.71 -0.96
N GLU A 170 -23.77 2.65 -1.32
CA GLU A 170 -24.43 3.77 -1.96
C GLU A 170 -24.64 4.91 -0.96
N LYS A 171 -24.60 6.13 -1.48
CA LYS A 171 -24.75 7.33 -0.66
C LYS A 171 -26.00 7.25 0.21
N GLY A 172 -25.83 7.49 1.51
CA GLY A 172 -26.92 7.44 2.46
C GLY A 172 -27.45 6.06 2.80
N LYS A 173 -26.85 4.99 2.26
CA LYS A 173 -27.36 3.64 2.45
C LYS A 173 -26.35 2.69 3.08
N ARG A 174 -25.62 3.14 4.09
CA ARG A 174 -24.71 2.23 4.79
C ARG A 174 -25.50 1.25 5.64
N TYR A 175 -24.99 0.02 5.75
CA TYR A 175 -25.59 -0.94 6.66
C TYR A 175 -24.50 -1.89 7.13
N ARG A 176 -24.68 -2.46 8.32
CA ARG A 176 -23.60 -3.15 9.00
C ARG A 176 -23.50 -4.63 8.69
N TYR A 177 -24.60 -5.29 8.30
CA TYR A 177 -24.63 -6.74 8.18
C TYR A 177 -25.21 -7.16 6.83
N VAL A 178 -24.65 -8.22 6.26
CA VAL A 178 -25.13 -8.80 5.02
C VAL A 178 -26.11 -9.93 5.34
N ASP A 179 -27.33 -9.80 4.86
CA ASP A 179 -28.27 -10.93 4.82
C ASP A 179 -28.38 -11.53 3.42
N ASP A 180 -28.88 -10.74 2.46
CA ASP A 180 -29.11 -11.21 1.10
C ASP A 180 -27.85 -10.96 0.27
N PHE A 181 -27.13 -12.05 -0.05
CA PHE A 181 -25.86 -11.92 -0.75
C PHE A 181 -26.06 -11.32 -2.15
N GLU A 182 -27.14 -11.71 -2.84
CA GLU A 182 -27.34 -11.23 -4.20
C GLU A 182 -27.64 -9.74 -4.26
N ARG A 183 -28.26 -9.17 -3.23
CA ARG A 183 -28.46 -7.73 -3.23
C ARG A 183 -27.26 -6.97 -2.73
N HIS A 184 -26.34 -7.67 -2.09
CA HIS A 184 -25.09 -7.08 -1.63
C HIS A 184 -24.01 -7.11 -2.70
N LEU A 185 -24.06 -8.13 -3.56
CA LEU A 185 -23.03 -8.32 -4.57
C LEU A 185 -22.79 -7.10 -5.45
N PRO A 186 -23.79 -6.34 -5.88
CA PRO A 186 -23.49 -5.14 -6.68
C PRO A 186 -22.56 -4.15 -5.99
N LEU A 187 -22.56 -4.11 -4.66
CA LEU A 187 -21.66 -3.19 -3.97
C LEU A 187 -20.22 -3.67 -3.93
N MET A 188 -19.97 -4.94 -4.28
CA MET A 188 -18.66 -5.57 -4.16
C MET A 188 -17.95 -5.79 -5.49
N GLU A 189 -18.71 -5.85 -6.58
CA GLU A 189 -18.18 -6.38 -7.84
C GLU A 189 -17.02 -5.54 -8.37
N ALA A 190 -17.22 -4.22 -8.44
CA ALA A 190 -16.22 -3.34 -9.03
C ALA A 190 -14.94 -3.31 -8.20
N PHE A 191 -15.07 -3.19 -6.88
CA PHE A 191 -13.88 -3.15 -6.03
C PHE A 191 -13.05 -4.40 -6.22
N HIS A 192 -13.69 -5.56 -6.16
CA HIS A 192 -12.94 -6.81 -6.23
C HIS A 192 -12.34 -7.03 -7.62
N LYS A 193 -13.11 -6.74 -8.67
CA LYS A 193 -12.61 -6.94 -10.03
C LYS A 193 -11.39 -6.06 -10.31
N ARG A 194 -11.36 -4.84 -9.76
CA ARG A 194 -10.25 -3.93 -10.03
C ARG A 194 -9.08 -4.10 -9.07
N TYR A 195 -9.34 -4.31 -7.78
CA TYR A 195 -8.24 -4.30 -6.82
C TYR A 195 -7.56 -5.65 -6.67
N MET A 196 -8.34 -6.73 -6.64
CA MET A 196 -7.79 -8.07 -6.41
C MET A 196 -6.99 -8.54 -7.61
N SER A 197 -5.89 -9.25 -7.36
CA SER A 197 -4.84 -9.39 -8.37
C SER A 197 -5.18 -10.36 -9.51
N SER A 198 -5.81 -11.50 -9.20
CA SER A 198 -6.13 -12.50 -10.22
C SER A 198 -6.98 -13.60 -9.59
N ASN A 199 -7.71 -14.32 -10.45
CA ASN A 199 -8.47 -15.47 -9.97
C ASN A 199 -7.57 -16.50 -9.30
N ALA A 200 -6.33 -16.64 -9.77
CA ALA A 200 -5.41 -17.58 -9.15
C ALA A 200 -5.18 -17.26 -7.68
N ALA A 201 -5.00 -15.97 -7.36
CA ALA A 201 -4.82 -15.58 -5.97
C ALA A 201 -6.10 -15.78 -5.16
N CYS A 202 -7.27 -15.48 -5.76
CA CYS A 202 -8.55 -15.62 -5.04
C CYS A 202 -8.88 -17.06 -4.75
N LYS A 203 -8.68 -17.92 -5.75
CA LYS A 203 -8.99 -19.33 -5.61
C LYS A 203 -8.09 -19.99 -4.58
N LYS A 204 -6.80 -19.65 -4.61
CA LYS A 204 -5.87 -20.15 -3.61
C LYS A 204 -6.30 -19.80 -2.20
N TRP A 205 -6.73 -18.55 -1.99
CA TRP A 205 -7.16 -18.13 -0.66
C TRP A 205 -8.44 -18.83 -0.23
N VAL A 206 -9.41 -18.95 -1.14
CA VAL A 206 -10.68 -19.60 -0.76
C VAL A 206 -10.44 -21.05 -0.39
N ASP A 207 -9.64 -21.76 -1.19
CA ASP A 207 -9.33 -23.16 -0.87
C ASP A 207 -8.71 -23.28 0.52
N MET A 208 -7.84 -22.34 0.90
CA MET A 208 -7.15 -22.42 2.18
C MET A 208 -8.10 -22.10 3.33
N VAL A 209 -8.84 -21.00 3.22
CA VAL A 209 -9.65 -20.53 4.34
C VAL A 209 -10.92 -21.36 4.51
N SER A 210 -11.36 -22.05 3.45
CA SER A 210 -12.53 -22.92 3.55
C SER A 210 -12.31 -24.10 4.47
N LYS A 211 -11.07 -24.42 4.82
CA LYS A 211 -10.84 -25.47 5.79
C LYS A 211 -11.23 -25.07 7.20
N LYS A 212 -11.42 -23.78 7.44
CA LYS A 212 -11.78 -23.31 8.77
C LYS A 212 -13.30 -23.26 8.92
N LYS A 213 -13.75 -23.30 10.16
CA LYS A 213 -15.16 -23.13 10.49
C LYS A 213 -15.47 -21.64 10.63
N ILE A 214 -16.24 -21.10 9.69
CA ILE A 214 -16.45 -19.66 9.59
C ILE A 214 -17.94 -19.36 9.71
N ASP A 215 -18.35 -18.85 10.87
CA ASP A 215 -19.72 -18.40 11.06
C ASP A 215 -19.95 -17.01 10.50
N MET A 216 -18.93 -16.14 10.55
CA MET A 216 -19.05 -14.77 10.06
C MET A 216 -17.75 -14.33 9.39
N ILE A 217 -17.86 -13.54 8.32
CA ILE A 217 -16.72 -12.92 7.68
C ILE A 217 -16.83 -11.44 7.95
N ALA A 218 -15.81 -10.87 8.60
CA ALA A 218 -15.81 -9.47 8.98
C ALA A 218 -14.76 -8.72 8.17
N PRO A 219 -15.15 -7.92 7.18
CA PRO A 219 -14.16 -7.26 6.31
C PRO A 219 -13.76 -5.90 6.84
N GLN A 220 -12.62 -5.42 6.36
CA GLN A 220 -12.10 -4.12 6.76
C GLN A 220 -12.83 -2.96 6.08
N HIS A 221 -13.65 -3.25 5.09
CA HIS A 221 -14.58 -2.30 4.48
C HIS A 221 -15.91 -3.02 4.28
N GLY A 222 -16.99 -2.25 4.31
CA GLY A 222 -18.29 -2.80 3.97
C GLY A 222 -19.02 -3.43 5.15
N ALA A 223 -19.77 -4.48 4.89
CA ALA A 223 -20.66 -5.05 5.90
C ALA A 223 -20.23 -6.47 6.26
N VAL A 224 -20.57 -6.87 7.48
CA VAL A 224 -20.18 -8.19 8.00
C VAL A 224 -21.10 -9.26 7.42
N PHE A 225 -20.51 -10.37 6.94
CA PHE A 225 -21.26 -11.49 6.37
C PHE A 225 -21.71 -12.45 7.46
N ARG A 226 -23.00 -12.77 7.46
CA ARG A 226 -23.59 -13.72 8.40
C ARG A 226 -24.40 -14.75 7.62
N GLY A 227 -24.72 -15.85 8.31
CA GLY A 227 -25.67 -16.80 7.77
C GLY A 227 -25.18 -17.41 6.47
N GLU A 228 -26.08 -17.62 5.51
CA GLU A 228 -25.68 -18.26 4.28
C GLU A 228 -24.76 -17.37 3.43
N SER A 229 -24.79 -16.04 3.64
CA SER A 229 -23.98 -15.14 2.80
C SER A 229 -22.50 -15.49 2.89
N VAL A 230 -22.08 -16.12 3.99
CA VAL A 230 -20.67 -16.51 4.14
C VAL A 230 -20.26 -17.49 3.04
N LYS A 231 -20.99 -18.61 2.93
CA LYS A 231 -20.64 -19.61 1.92
C LYS A 231 -20.86 -19.06 0.52
N LYS A 232 -21.89 -18.22 0.34
CA LYS A 232 -22.12 -17.65 -0.97
C LYS A 232 -20.99 -16.70 -1.37
N PHE A 233 -20.46 -15.94 -0.42
CA PHE A 233 -19.32 -15.09 -0.74
C PHE A 233 -18.12 -15.91 -1.17
N LEU A 234 -17.81 -16.96 -0.41
CA LEU A 234 -16.65 -17.78 -0.74
C LEU A 234 -16.81 -18.42 -2.13
N GLU A 235 -18.04 -18.81 -2.48
CA GLU A 235 -18.27 -19.41 -3.79
C GLU A 235 -18.07 -18.39 -4.91
N TRP A 236 -18.64 -17.20 -4.73
CA TRP A 236 -18.48 -16.15 -5.73
C TRP A 236 -17.01 -15.77 -5.89
N PHE A 237 -16.30 -15.58 -4.77
CA PHE A 237 -14.92 -15.07 -4.82
C PHE A 237 -14.01 -16.06 -5.52
N ARG A 238 -14.24 -17.35 -5.31
CA ARG A 238 -13.37 -18.37 -5.88
C ARG A 238 -13.38 -18.34 -7.40
N ASN A 239 -14.48 -17.91 -8.01
CA ASN A 239 -14.61 -17.89 -9.47
C ASN A 239 -14.44 -16.50 -10.08
N LEU A 240 -14.00 -15.52 -9.31
CA LEU A 240 -13.98 -14.15 -9.78
C LEU A 240 -12.81 -13.91 -10.73
N LYS A 241 -13.10 -13.35 -11.91
CA LYS A 241 -12.06 -12.82 -12.79
C LYS A 241 -11.73 -11.39 -12.38
N CYS A 242 -10.45 -11.11 -12.07
CA CYS A 242 -10.11 -9.80 -11.51
C CYS A 242 -8.66 -9.47 -11.83
N GLY A 243 -8.34 -8.19 -11.70
CA GLY A 243 -6.96 -7.72 -11.68
C GLY A 243 -6.32 -7.95 -13.03
N VAL A 244 -5.21 -8.69 -13.03
CA VAL A 244 -4.46 -8.94 -14.25
C VAL A 244 -5.23 -9.87 -15.20
N ASP A 245 -6.25 -10.59 -14.71
CA ASP A 245 -7.15 -11.31 -15.61
C ASP A 245 -7.80 -10.35 -16.61
N LEU A 246 -7.99 -9.09 -16.22
CA LEU A 246 -8.66 -8.08 -17.03
C LEU A 246 -7.68 -7.00 -17.51
N ILE A 247 -6.43 -7.40 -17.76
CA ILE A 247 -5.32 -6.48 -17.97
C ILE A 247 -5.54 -5.51 -19.13
N ASP A 248 -6.36 -5.90 -20.11
CA ASP A 248 -6.55 -5.03 -21.27
C ASP A 248 -7.33 -3.77 -20.93
N ASN A 249 -7.97 -3.70 -19.76
CA ASN A 249 -8.56 -2.45 -19.32
C ASN A 249 -7.59 -1.62 -18.47
N LEU A 250 -6.43 -2.19 -18.10
CA LEU A 250 -5.46 -1.50 -17.27
C LEU A 250 -4.23 -0.98 -18.02
N TYR A 251 -3.88 -1.56 -19.17
CA TYR A 251 -2.71 -1.11 -19.92
C TYR A 251 -3.11 -0.68 -21.32
N SER A 252 -2.31 0.24 -21.87
CA SER A 252 -2.49 0.76 -23.23
C SER A 252 -3.84 1.46 -23.34
N MET B 1 29.53 10.97 -0.05
CA MET B 1 28.92 12.06 -0.75
C MET B 1 27.85 11.59 -1.73
N PHE B 2 26.62 11.76 -1.28
CA PHE B 2 25.40 11.43 -2.00
C PHE B 2 24.59 12.72 -2.03
N GLU B 3 25.11 13.73 -2.74
CA GLU B 3 24.41 14.98 -2.90
C GLU B 3 23.45 14.92 -4.10
N ASN B 4 22.68 15.98 -4.29
CA ASN B 4 21.86 16.10 -5.48
C ASN B 4 22.72 15.93 -6.74
N GLU B 5 22.23 15.12 -7.68
CA GLU B 5 22.95 14.82 -8.91
C GLU B 5 22.03 15.06 -10.11
N ILE B 6 22.60 15.55 -11.21
CA ILE B 6 21.81 15.85 -12.39
C ILE B 6 21.85 14.64 -13.31
N LEU B 7 20.69 14.04 -13.57
CA LEU B 7 20.64 12.94 -14.51
C LEU B 7 20.55 13.44 -15.95
N PHE B 8 19.93 14.60 -16.14
CA PHE B 8 19.75 15.18 -17.46
C PHE B 8 19.67 16.68 -17.30
N ASP B 9 20.24 17.39 -18.26
CA ASP B 9 20.24 18.85 -18.27
C ASP B 9 20.36 19.28 -19.72
N ASN B 10 19.41 20.08 -20.20
CA ASN B 10 19.58 20.74 -21.49
C ASN B 10 19.43 22.24 -21.35
N GLY B 11 19.64 22.76 -20.14
CA GLY B 11 19.44 24.16 -19.84
C GLY B 11 18.01 24.47 -19.45
N GLN B 12 17.07 24.24 -20.36
CA GLN B 12 15.66 24.53 -20.10
C GLN B 12 15.02 23.47 -19.20
N HIS B 13 15.55 22.25 -19.19
CA HIS B 13 14.89 21.11 -18.55
C HIS B 13 15.95 20.31 -17.81
N LYS B 14 15.71 20.00 -16.54
CA LYS B 14 16.64 19.21 -15.75
C LYS B 14 15.89 18.10 -15.04
N PHE B 15 16.56 16.97 -14.85
CA PHE B 15 16.03 15.82 -14.13
C PHE B 15 17.07 15.47 -13.07
N MET B 16 16.70 15.59 -11.79
CA MET B 16 17.66 15.50 -10.70
C MET B 16 17.37 14.31 -9.79
N PHE B 17 18.46 13.65 -9.37
CA PHE B 17 18.44 12.53 -8.43
C PHE B 17 18.79 13.16 -7.07
N LEU B 18 17.80 13.33 -6.21
CA LEU B 18 18.09 14.07 -4.99
C LEU B 18 19.01 13.24 -4.07
N GLY B 19 19.69 13.95 -3.16
CA GLY B 19 20.73 13.35 -2.36
C GLY B 19 20.22 12.34 -1.36
N TRP B 20 21.19 11.62 -0.77
CA TRP B 20 20.92 10.58 0.20
C TRP B 20 21.40 11.01 1.58
N GLU B 21 20.82 10.40 2.60
CA GLU B 21 21.33 10.52 3.96
C GLU B 21 22.73 9.94 4.08
N GLU B 22 23.56 10.56 4.91
CA GLU B 22 24.92 10.06 5.07
C GLU B 22 24.98 8.79 5.93
N LYS B 23 24.10 8.66 6.94
CA LYS B 23 24.14 7.52 7.85
C LYS B 23 22.94 6.65 7.56
N GLU B 24 23.17 5.36 7.39
CA GLU B 24 22.09 4.42 7.11
C GLU B 24 21.27 4.13 8.38
N GLU B 25 19.96 4.08 8.21
CA GLU B 25 19.08 3.77 9.33
C GLU B 25 18.33 2.49 9.02
N GLU B 26 17.58 2.00 10.01
CA GLU B 26 16.82 0.76 9.89
C GLU B 26 15.48 1.09 9.23
N ILE B 27 15.53 1.25 7.91
CA ILE B 27 14.39 1.72 7.12
C ILE B 27 14.66 1.38 5.66
N VAL B 28 13.59 1.08 4.91
CA VAL B 28 13.82 0.80 3.49
C VAL B 28 14.36 2.05 2.83
N GLN B 29 15.48 1.88 2.11
CA GLN B 29 16.14 2.95 1.37
C GLN B 29 15.25 3.43 0.24
N THR B 30 15.24 4.75 0.00
CA THR B 30 14.37 5.35 -1.00
C THR B 30 15.10 6.41 -1.80
N ASN B 31 14.59 6.65 -3.01
CA ASN B 31 15.06 7.68 -3.92
C ASN B 31 13.96 8.69 -4.17
N GLN B 32 14.34 9.97 -4.23
CA GLN B 32 13.44 11.03 -4.63
C GLN B 32 14.04 11.75 -5.83
N TYR B 33 13.15 12.26 -6.69
CA TYR B 33 13.55 12.93 -7.91
C TYR B 33 12.84 14.26 -8.04
N LEU B 34 13.49 15.19 -8.72
CA LEU B 34 12.94 16.52 -8.97
C LEU B 34 13.12 16.83 -10.44
N ILE B 35 12.04 17.18 -11.12
CA ILE B 35 12.13 17.66 -12.50
C ILE B 35 11.93 19.16 -12.49
N LEU B 36 12.83 19.87 -13.16
CA LEU B 36 12.70 21.32 -13.35
C LEU B 36 12.50 21.60 -14.82
N ASP B 37 11.53 22.45 -15.11
CA ASP B 37 11.19 22.80 -16.48
C ASP B 37 10.88 24.29 -16.45
N GLY B 38 11.73 25.09 -17.08
CA GLY B 38 11.64 26.52 -16.88
C GLY B 38 11.75 26.80 -15.40
N ASN B 39 10.73 27.48 -14.86
CA ASN B 39 10.68 27.83 -13.45
C ASN B 39 9.73 26.97 -12.64
N GLU B 40 9.27 25.83 -13.17
CA GLU B 40 8.35 25.00 -12.40
C GLU B 40 8.98 23.65 -12.11
N GLY B 41 8.67 23.14 -10.93
CA GLY B 41 9.26 21.92 -10.42
C GLY B 41 8.20 20.84 -10.30
N ILE B 42 8.63 19.60 -10.48
CA ILE B 42 7.77 18.43 -10.32
C ILE B 42 8.52 17.47 -9.42
N LEU B 43 7.88 17.04 -8.33
CA LEU B 43 8.45 16.08 -7.43
C LEU B 43 7.89 14.69 -7.72
N LEU B 44 8.77 13.69 -7.75
CA LEU B 44 8.42 12.30 -7.99
C LEU B 44 8.62 11.53 -6.68
N ASP B 45 7.54 10.95 -6.15
CA ASP B 45 7.54 10.19 -4.90
C ASP B 45 8.40 10.85 -3.80
N PRO B 46 8.09 12.10 -3.41
CA PRO B 46 8.98 12.80 -2.45
C PRO B 46 9.06 12.12 -1.08
N GLY B 47 8.13 11.25 -0.74
CA GLY B 47 8.39 10.23 0.26
C GLY B 47 7.69 10.46 1.59
N GLY B 48 8.18 9.74 2.59
CA GLY B 48 7.51 9.67 3.86
C GLY B 48 7.83 10.80 4.81
N ALA B 49 7.09 10.81 5.92
CA ALA B 49 7.22 11.86 6.92
C ALA B 49 8.61 11.89 7.56
N HIS B 50 9.20 10.73 7.81
CA HIS B 50 10.48 10.70 8.52
C HIS B 50 11.60 11.34 7.70
N VAL B 51 11.63 11.10 6.38
CA VAL B 51 12.67 11.66 5.52
C VAL B 51 12.35 13.07 5.05
N PHE B 52 11.17 13.61 5.38
CA PHE B 52 10.74 14.89 4.83
C PHE B 52 11.73 16.03 5.04
N PRO B 53 12.31 16.24 6.24
CA PRO B 53 13.26 17.37 6.38
C PRO B 53 14.43 17.29 5.42
N ARG B 54 14.98 16.10 5.21
CA ARG B 54 16.12 15.95 4.33
C ARG B 54 15.72 16.19 2.88
N VAL B 55 14.59 15.60 2.46
CA VAL B 55 14.16 15.79 1.07
C VAL B 55 13.80 17.25 0.82
N MET B 56 13.12 17.88 1.78
CA MET B 56 12.72 19.28 1.60
C MET B 56 13.95 20.18 1.41
N SER B 57 15.00 19.95 2.20
CA SER B 57 16.18 20.80 2.09
C SER B 57 16.94 20.52 0.78
N ASN B 58 16.98 19.25 0.35
CA ASN B 58 17.54 18.95 -0.96
C ASN B 58 16.81 19.71 -2.07
N VAL B 59 15.49 19.81 -1.98
CA VAL B 59 14.72 20.52 -3.01
C VAL B 59 14.94 22.02 -2.90
N ALA B 60 14.88 22.55 -1.67
CA ALA B 60 14.96 24.00 -1.46
C ALA B 60 16.32 24.56 -1.85
N GLU B 61 17.37 23.75 -1.79
CA GLU B 61 18.67 24.24 -2.23
C GLU B 61 18.78 24.29 -3.75
N VAL B 62 17.79 23.77 -4.49
CA VAL B 62 17.79 23.82 -5.94
C VAL B 62 16.72 24.76 -6.49
N VAL B 63 15.58 24.90 -5.81
CA VAL B 63 14.47 25.69 -6.37
C VAL B 63 13.57 26.18 -5.24
N ASP B 64 12.89 27.30 -5.46
CA ASP B 64 11.83 27.71 -4.54
C ASP B 64 10.77 26.65 -4.35
N LEU B 65 10.38 26.47 -3.08
CA LEU B 65 9.35 25.50 -2.80
C LEU B 65 8.01 25.93 -3.39
N SER B 66 7.79 27.25 -3.53
CA SER B 66 6.56 27.71 -4.16
C SER B 66 6.55 27.51 -5.67
N SER B 67 7.66 27.05 -6.25
CA SER B 67 7.71 26.71 -7.66
C SER B 67 7.35 25.26 -7.94
N ILE B 68 7.18 24.44 -6.91
CA ILE B 68 6.70 23.08 -7.11
C ILE B 68 5.22 23.15 -7.47
N ARG B 69 4.88 22.85 -8.73
CA ARG B 69 3.51 22.92 -9.19
C ARG B 69 2.85 21.55 -9.27
N HIS B 70 3.64 20.49 -9.28
CA HIS B 70 3.11 19.15 -9.45
C HIS B 70 3.89 18.20 -8.56
N ILE B 71 3.15 17.31 -7.89
CA ILE B 71 3.73 16.23 -7.12
C ILE B 71 3.08 14.94 -7.56
N PHE B 72 3.90 13.99 -7.99
CA PHE B 72 3.45 12.72 -8.54
C PHE B 72 3.70 11.61 -7.52
N TYR B 73 2.66 10.86 -7.21
CA TYR B 73 2.72 9.68 -6.35
C TYR B 73 2.44 8.45 -7.21
N THR B 74 3.41 7.54 -7.31
CA THR B 74 3.21 6.34 -8.12
C THR B 74 2.10 5.46 -7.56
N HIS B 75 2.03 5.33 -6.24
CA HIS B 75 1.04 4.49 -5.58
C HIS B 75 0.94 4.95 -4.12
N GLN B 76 0.38 4.09 -3.27
CA GLN B 76 -0.14 4.48 -1.96
C GLN B 76 0.81 4.20 -0.80
N ASP B 77 1.92 3.50 -1.04
CA ASP B 77 2.70 2.93 0.05
C ASP B 77 3.29 4.02 0.95
N PRO B 78 3.57 3.71 2.22
CA PRO B 78 4.03 4.74 3.15
C PRO B 78 5.37 5.34 2.76
N ASP B 79 6.25 4.58 2.10
CA ASP B 79 7.52 5.16 1.66
C ASP B 79 7.33 6.15 0.52
N VAL B 80 6.12 6.27 -0.02
CA VAL B 80 5.82 7.20 -1.09
C VAL B 80 4.97 8.36 -0.58
N THR B 81 3.90 8.06 0.16
CA THR B 81 2.84 9.03 0.39
C THR B 81 2.75 9.61 1.80
N SER B 82 3.44 9.04 2.80
CA SER B 82 3.08 9.42 4.17
C SER B 82 3.54 10.83 4.54
N GLY B 83 4.35 11.49 3.70
CA GLY B 83 4.60 12.91 3.91
C GLY B 83 3.61 13.85 3.29
N ILE B 84 2.44 13.35 2.84
CA ILE B 84 1.56 14.16 1.98
C ILE B 84 1.15 15.46 2.67
N LEU B 85 0.81 15.42 3.95
CA LEU B 85 0.36 16.64 4.60
C LEU B 85 1.46 17.68 4.66
N LEU B 86 2.70 17.24 4.90
CA LEU B 86 3.82 18.17 4.95
C LEU B 86 4.09 18.78 3.58
N TRP B 87 4.07 17.96 2.54
CA TRP B 87 4.33 18.47 1.20
C TRP B 87 3.23 19.42 0.76
N LEU B 88 1.95 19.10 1.05
CA LEU B 88 0.85 19.98 0.69
C LEU B 88 0.98 21.34 1.36
N SER B 89 1.50 21.35 2.59
CA SER B 89 1.60 22.61 3.31
C SER B 89 2.80 23.44 2.84
N ILE B 90 3.96 22.81 2.60
CA ILE B 90 5.14 23.59 2.22
C ILE B 90 5.23 23.89 0.74
N CYS B 91 4.55 23.13 -0.12
CA CYS B 91 4.48 23.46 -1.55
C CYS B 91 3.05 23.94 -1.80
N GLU B 92 2.82 25.21 -1.46
CA GLU B 92 1.46 25.76 -1.45
C GLU B 92 0.82 25.79 -2.84
N ASN B 93 1.59 25.74 -3.91
CA ASN B 93 1.05 25.81 -5.26
C ASN B 93 1.04 24.46 -5.97
N ALA B 94 1.29 23.37 -5.26
CA ALA B 94 1.38 22.05 -5.89
C ALA B 94 0.03 21.34 -5.89
N LYS B 95 -0.28 20.68 -7.00
CA LYS B 95 -1.32 19.67 -7.03
C LYS B 95 -0.69 18.29 -6.99
N ILE B 96 -1.42 17.34 -6.39
CA ILE B 96 -0.91 16.00 -6.17
C ILE B 96 -1.64 15.05 -7.10
N TYR B 97 -0.88 14.25 -7.85
CA TYR B 97 -1.43 13.28 -8.79
C TYR B 97 -1.24 11.88 -8.22
N ILE B 98 -2.32 11.12 -8.15
CA ILE B 98 -2.29 9.74 -7.67
C ILE B 98 -3.43 8.97 -8.33
N SER B 99 -3.24 7.65 -8.46
CA SER B 99 -4.30 6.77 -8.95
C SER B 99 -5.65 7.07 -8.31
N SER B 100 -6.69 7.06 -9.13
CA SER B 100 -8.06 7.18 -8.60
C SER B 100 -8.37 6.11 -7.55
N LEU B 101 -7.67 4.97 -7.58
CA LEU B 101 -7.88 3.94 -6.59
C LEU B 101 -7.55 4.40 -5.16
N TRP B 102 -6.72 5.43 -5.01
CA TRP B 102 -6.25 5.85 -3.69
C TRP B 102 -6.74 7.23 -3.30
N VAL B 103 -7.50 7.92 -4.16
CA VAL B 103 -7.85 9.31 -3.89
C VAL B 103 -8.65 9.42 -2.59
N ARG B 104 -9.57 8.48 -2.34
CA ARG B 104 -10.34 8.47 -1.10
C ARG B 104 -9.63 7.78 0.05
N PHE B 105 -8.45 7.21 -0.19
CA PHE B 105 -7.68 6.60 0.89
C PHE B 105 -6.75 7.61 1.54
N LEU B 106 -6.22 8.55 0.76
CA LEU B 106 -5.31 9.56 1.30
C LEU B 106 -5.89 10.36 2.47
N PRO B 107 -7.18 10.72 2.52
CA PRO B 107 -7.67 11.47 3.70
C PRO B 107 -7.47 10.74 5.03
N HIS B 108 -7.09 9.47 5.03
CA HIS B 108 -6.77 8.78 6.27
C HIS B 108 -5.48 9.30 6.91
N PHE B 109 -4.60 9.92 6.13
CA PHE B 109 -3.41 10.53 6.71
C PHE B 109 -3.76 11.72 7.58
N GLY B 110 -4.82 12.44 7.26
CA GLY B 110 -5.12 13.69 7.91
C GLY B 110 -5.90 14.58 6.98
N ILE B 111 -6.25 15.77 7.49
CA ILE B 111 -7.14 16.67 6.76
C ILE B 111 -6.30 17.56 5.84
N TYR B 112 -6.82 17.80 4.63
CA TYR B 112 -6.19 18.69 3.66
C TYR B 112 -7.28 19.08 2.68
N ASP B 113 -6.97 20.06 1.84
CA ASP B 113 -7.90 20.56 0.84
C ASP B 113 -7.95 19.55 -0.30
N GLN B 114 -9.06 18.80 -0.39
CA GLN B 114 -9.13 17.71 -1.34
C GLN B 114 -9.27 18.20 -2.78
N LYS B 115 -9.47 19.50 -3.00
CA LYS B 115 -9.40 20.01 -4.37
C LYS B 115 -7.98 20.00 -4.93
N ARG B 116 -6.97 19.81 -4.08
CA ARG B 116 -5.58 19.79 -4.54
C ARG B 116 -5.13 18.44 -5.08
N ILE B 117 -6.02 17.44 -5.18
CA ILE B 117 -5.65 16.10 -5.62
C ILE B 117 -6.20 15.88 -7.02
N VAL B 118 -5.34 15.43 -7.94
CA VAL B 118 -5.73 15.13 -9.31
C VAL B 118 -5.80 13.61 -9.44
N PRO B 119 -6.98 13.01 -9.59
CA PRO B 119 -7.05 11.56 -9.79
C PRO B 119 -6.47 11.19 -11.15
N ILE B 120 -5.72 10.09 -11.17
CA ILE B 120 -5.22 9.51 -12.42
C ILE B 120 -6.05 8.29 -12.75
N SER B 121 -6.72 8.33 -13.90
CA SER B 121 -7.45 7.18 -14.39
C SER B 121 -6.51 6.05 -14.81
N ASP B 122 -7.05 4.83 -14.86
CA ASP B 122 -6.21 3.65 -14.98
C ASP B 122 -5.26 3.70 -16.18
N LYS B 123 -5.72 4.26 -17.30
CA LYS B 123 -4.90 4.27 -18.52
C LYS B 123 -3.77 5.32 -18.49
N GLY B 124 -3.71 6.15 -17.46
CA GLY B 124 -2.63 7.12 -17.36
C GLY B 124 -3.08 8.49 -17.83
N THR B 125 -2.12 9.41 -17.86
CA THR B 125 -2.40 10.79 -18.25
C THR B 125 -1.09 11.46 -18.65
N LYS B 126 -1.17 12.74 -18.98
CA LYS B 126 0.01 13.57 -19.19
C LYS B 126 -0.07 14.80 -18.30
N ILE B 127 1.06 15.19 -17.72
CA ILE B 127 1.17 16.50 -17.09
C ILE B 127 1.65 17.46 -18.17
N LYS B 128 0.80 18.42 -18.53
CA LYS B 128 1.19 19.46 -19.49
C LYS B 128 1.86 20.60 -18.73
N LEU B 129 3.13 20.84 -19.03
CA LEU B 129 3.89 21.88 -18.37
C LEU B 129 3.77 23.20 -19.12
N LEU B 130 4.03 24.30 -18.39
CA LEU B 130 3.79 25.63 -18.94
C LEU B 130 4.59 25.90 -20.21
N SER B 131 5.76 25.27 -20.36
CA SER B 131 6.59 25.45 -21.55
C SER B 131 6.05 24.77 -22.78
N GLY B 132 5.08 23.87 -22.63
CA GLY B 132 4.67 22.99 -23.70
C GLY B 132 5.30 21.62 -23.65
N ASN B 133 6.33 21.41 -22.83
CA ASN B 133 6.81 20.06 -22.59
C ASN B 133 5.78 19.27 -21.80
N GLU B 134 5.87 17.96 -21.87
CA GLU B 134 4.91 17.06 -21.24
C GLU B 134 5.64 16.00 -20.43
N LEU B 135 4.99 15.51 -19.39
CA LEU B 135 5.42 14.30 -18.71
C LEU B 135 4.30 13.27 -18.84
N GLU B 136 4.68 12.05 -19.24
CA GLU B 136 3.69 11.00 -19.50
C GLU B 136 3.58 10.11 -18.27
N ILE B 137 2.37 10.02 -17.74
CA ILE B 137 2.07 9.08 -16.66
C ILE B 137 1.57 7.81 -17.31
N LEU B 138 2.29 6.69 -17.12
CA LEU B 138 1.94 5.46 -17.80
C LEU B 138 1.51 4.38 -16.81
N PRO B 139 0.56 3.53 -17.18
CA PRO B 139 0.09 2.50 -16.24
C PRO B 139 1.19 1.48 -15.91
N ALA B 140 1.20 1.06 -14.66
CA ALA B 140 2.13 0.07 -14.15
C ALA B 140 1.44 -0.73 -13.07
N HIS B 141 0.16 -0.99 -13.27
CA HIS B 141 -0.67 -1.58 -12.24
C HIS B 141 -0.19 -2.98 -11.90
N PHE B 142 -0.24 -3.30 -10.60
CA PHE B 142 0.14 -4.58 -10.05
C PHE B 142 1.65 -4.81 -10.07
N LEU B 143 2.46 -3.73 -10.21
CA LEU B 143 3.92 -3.83 -10.21
C LEU B 143 4.52 -2.79 -9.23
N HIS B 144 4.29 -2.93 -7.93
CA HIS B 144 3.56 -4.04 -7.30
C HIS B 144 2.10 -3.68 -6.97
N SER B 145 1.84 -2.40 -6.72
CA SER B 145 0.53 -2.00 -6.22
C SER B 145 -0.54 -2.12 -7.31
N THR B 146 -1.76 -2.49 -6.88
CA THR B 146 -2.89 -2.58 -7.80
C THR B 146 -3.19 -1.24 -8.49
N GLY B 147 -2.93 -0.13 -7.83
CA GLY B 147 -3.05 1.17 -8.47
C GLY B 147 -1.69 1.82 -8.51
N ASN B 148 -1.01 1.74 -9.65
CA ASN B 148 0.41 2.06 -9.71
C ASN B 148 0.74 2.60 -11.10
N PHE B 149 1.54 3.68 -11.13
CA PHE B 149 1.95 4.36 -12.34
C PHE B 149 3.46 4.60 -12.32
N VAL B 150 4.02 4.74 -13.51
CA VAL B 150 5.37 5.23 -13.72
C VAL B 150 5.26 6.55 -14.48
N LEU B 151 6.38 7.26 -14.58
CA LEU B 151 6.40 8.54 -15.28
C LEU B 151 7.54 8.54 -16.28
N TYR B 152 7.23 8.84 -17.55
CA TYR B 152 8.24 8.92 -18.58
C TYR B 152 8.45 10.38 -18.98
N ASP B 153 9.69 10.84 -18.95
CA ASP B 153 10.04 12.21 -19.30
C ASP B 153 10.58 12.21 -20.73
N PRO B 154 9.79 12.60 -21.73
CA PRO B 154 10.25 12.50 -23.13
C PRO B 154 11.35 13.48 -23.50
N VAL B 155 11.55 14.56 -22.74
CA VAL B 155 12.67 15.45 -23.01
C VAL B 155 13.97 14.82 -22.53
N ALA B 156 14.00 14.37 -21.27
CA ALA B 156 15.20 13.76 -20.71
C ALA B 156 15.42 12.33 -21.18
N LYS B 157 14.40 11.70 -21.78
CA LYS B 157 14.41 10.26 -22.09
C LYS B 157 14.71 9.44 -20.83
N ILE B 158 14.04 9.80 -19.74
CA ILE B 158 14.22 9.10 -18.47
C ILE B 158 12.87 8.55 -18.03
N LEU B 159 12.86 7.29 -17.66
CA LEU B 159 11.68 6.63 -17.09
C LEU B 159 11.86 6.58 -15.57
N PHE B 160 11.00 7.29 -14.85
CA PHE B 160 10.93 7.11 -13.40
C PHE B 160 10.03 5.90 -13.14
N SER B 161 10.62 4.81 -12.69
CA SER B 161 9.97 3.51 -12.73
C SER B 161 9.29 3.11 -11.42
N GLY B 162 9.30 3.96 -10.40
CA GLY B 162 8.67 3.57 -9.15
C GLY B 162 9.38 2.39 -8.51
N ASP B 163 8.59 1.44 -8.00
CA ASP B 163 9.17 0.26 -7.37
C ASP B 163 9.82 -0.69 -8.39
N ILE B 164 9.48 -0.56 -9.67
CA ILE B 164 10.13 -1.38 -10.68
C ILE B 164 11.61 -1.01 -10.79
N GLY B 165 12.46 -2.01 -10.77
CA GLY B 165 13.89 -1.76 -10.80
C GLY B 165 14.49 -1.58 -9.43
N ALA B 166 13.70 -1.76 -8.37
CA ALA B 166 14.20 -1.60 -7.01
C ALA B 166 15.36 -2.56 -6.75
N ALA B 167 16.29 -2.10 -5.91
CA ALA B 167 17.39 -2.91 -5.43
C ALA B 167 17.47 -2.70 -3.93
N VAL B 168 17.76 -3.77 -3.18
CA VAL B 168 17.96 -3.69 -1.75
C VAL B 168 19.45 -3.76 -1.50
N PHE B 169 20.06 -2.65 -1.11
CA PHE B 169 21.50 -2.64 -0.92
C PHE B 169 21.89 -3.39 0.34
N GLU B 170 23.05 -4.03 0.29
CA GLU B 170 23.62 -4.57 1.51
C GLU B 170 24.06 -3.40 2.37
N LYS B 171 23.86 -3.52 3.68
CA LYS B 171 24.14 -2.43 4.59
C LYS B 171 25.58 -1.95 4.46
N GLY B 172 25.75 -0.64 4.35
CA GLY B 172 27.05 -0.03 4.12
C GLY B 172 27.55 -0.14 2.69
N LYS B 173 26.77 -0.71 1.78
CA LYS B 173 27.21 -0.93 0.40
C LYS B 173 26.30 -0.21 -0.59
N ARG B 174 25.85 0.99 -0.25
CA ARG B 174 25.01 1.75 -1.17
C ARG B 174 25.84 2.31 -2.33
N TYR B 175 25.22 2.38 -3.50
CA TYR B 175 25.81 3.04 -4.66
C TYR B 175 24.70 3.60 -5.54
N ARG B 176 25.01 4.67 -6.26
CA ARG B 176 23.95 5.45 -6.92
C ARG B 176 23.62 4.98 -8.32
N TYR B 177 24.54 4.32 -9.03
CA TYR B 177 24.34 3.99 -10.43
C TYR B 177 24.65 2.52 -10.70
N VAL B 178 23.93 1.97 -11.67
CA VAL B 178 24.15 0.60 -12.13
C VAL B 178 25.15 0.65 -13.29
N ASP B 179 26.29 0.00 -13.09
CA ASP B 179 27.25 -0.22 -14.16
C ASP B 179 27.02 -1.61 -14.72
N ASP B 180 27.34 -2.61 -13.90
CA ASP B 180 27.29 -4.01 -14.30
C ASP B 180 25.93 -4.57 -13.93
N PHE B 181 25.07 -4.80 -14.93
CA PHE B 181 23.74 -5.30 -14.60
C PHE B 181 23.78 -6.69 -13.96
N GLU B 182 24.63 -7.59 -14.48
CA GLU B 182 24.62 -8.94 -13.92
C GLU B 182 25.10 -8.89 -12.45
N ARG B 183 25.93 -7.89 -12.10
CA ARG B 183 26.41 -7.78 -10.72
C ARG B 183 25.46 -7.03 -9.80
N HIS B 184 24.48 -6.34 -10.37
CA HIS B 184 23.41 -5.66 -9.64
C HIS B 184 22.23 -6.56 -9.39
N LEU B 185 22.01 -7.54 -10.28
CA LEU B 185 20.84 -8.41 -10.21
C LEU B 185 20.65 -9.10 -8.86
N PRO B 186 21.68 -9.56 -8.14
CA PRO B 186 21.43 -10.18 -6.83
C PRO B 186 20.72 -9.27 -5.85
N LEU B 187 20.86 -7.96 -5.97
CA LEU B 187 20.17 -7.03 -5.10
C LEU B 187 18.72 -6.80 -5.47
N MET B 188 18.31 -7.24 -6.67
CA MET B 188 16.98 -7.00 -7.20
C MET B 188 16.08 -8.22 -7.19
N GLU B 189 16.64 -9.43 -7.21
CA GLU B 189 15.85 -10.60 -7.57
C GLU B 189 14.76 -10.87 -6.54
N ALA B 190 15.12 -10.90 -5.26
CA ALA B 190 14.17 -11.27 -4.21
C ALA B 190 12.99 -10.28 -4.16
N PHE B 191 13.30 -8.98 -4.24
CA PHE B 191 12.23 -7.98 -4.21
C PHE B 191 11.25 -8.20 -5.36
N HIS B 192 11.78 -8.35 -6.57
CA HIS B 192 10.89 -8.44 -7.72
C HIS B 192 10.08 -9.73 -7.73
N LYS B 193 10.72 -10.87 -7.43
CA LYS B 193 10.01 -12.14 -7.43
C LYS B 193 8.88 -12.18 -6.41
N ARG B 194 9.06 -11.48 -5.28
CA ARG B 194 8.07 -11.50 -4.21
C ARG B 194 7.03 -10.39 -4.34
N TYR B 195 7.43 -9.16 -4.67
CA TYR B 195 6.46 -8.06 -4.64
C TYR B 195 5.68 -7.95 -5.93
N MET B 196 6.33 -8.14 -7.08
CA MET B 196 5.65 -7.93 -8.35
C MET B 196 4.64 -9.03 -8.58
N SER B 197 3.47 -8.67 -9.14
CA SER B 197 2.29 -9.55 -9.02
C SER B 197 2.33 -10.74 -9.96
N SER B 198 2.83 -10.59 -11.19
CA SER B 198 2.84 -11.71 -12.12
C SER B 198 3.62 -11.33 -13.38
N ASN B 199 4.13 -12.36 -14.05
CA ASN B 199 4.79 -12.14 -15.34
C ASN B 199 3.84 -11.49 -16.34
N ALA B 200 2.55 -11.80 -16.28
CA ALA B 200 1.59 -11.19 -17.20
C ALA B 200 1.62 -9.68 -17.10
N ALA B 201 1.65 -9.13 -15.88
CA ALA B 201 1.77 -7.68 -15.73
C ALA B 201 3.15 -7.18 -16.16
N CYS B 202 4.20 -7.94 -15.85
CA CYS B 202 5.56 -7.47 -16.18
C CYS B 202 5.77 -7.38 -17.68
N LYS B 203 5.27 -8.38 -18.41
CA LYS B 203 5.42 -8.42 -19.85
C LYS B 203 4.65 -7.29 -20.52
N LYS B 204 3.41 -7.09 -20.09
CA LYS B 204 2.60 -6.00 -20.61
C LYS B 204 3.30 -4.66 -20.41
N TRP B 205 3.86 -4.45 -19.21
CA TRP B 205 4.52 -3.18 -18.93
C TRP B 205 5.78 -3.00 -19.77
N VAL B 206 6.59 -4.07 -19.91
CA VAL B 206 7.82 -3.94 -20.68
C VAL B 206 7.48 -3.62 -22.14
N ASP B 207 6.51 -4.35 -22.70
CA ASP B 207 6.11 -4.10 -24.09
C ASP B 207 5.67 -2.65 -24.27
N MET B 208 4.97 -2.09 -23.28
CA MET B 208 4.47 -0.74 -23.40
C MET B 208 5.59 0.29 -23.32
N VAL B 209 6.44 0.22 -22.31
CA VAL B 209 7.43 1.28 -22.17
C VAL B 209 8.56 1.14 -23.17
N SER B 210 8.79 -0.07 -23.69
CA SER B 210 9.83 -0.29 -24.68
C SER B 210 9.56 0.42 -25.98
N LYS B 211 8.34 0.90 -26.21
CA LYS B 211 8.08 1.76 -27.36
C LYS B 211 8.65 3.16 -27.16
N LYS B 212 9.04 3.52 -25.94
CA LYS B 212 9.63 4.82 -25.65
C LYS B 212 11.14 4.74 -25.71
N LYS B 213 11.77 5.88 -25.97
CA LYS B 213 13.22 5.98 -25.94
C LYS B 213 13.65 6.25 -24.51
N ILE B 214 14.31 5.26 -23.89
CA ILE B 214 14.65 5.28 -22.47
C ILE B 214 16.16 5.18 -22.33
N ASP B 215 16.82 6.29 -22.01
CA ASP B 215 18.25 6.29 -21.76
C ASP B 215 18.61 5.85 -20.34
N MET B 216 17.75 6.17 -19.35
CA MET B 216 18.00 5.82 -17.97
C MET B 216 16.68 5.42 -17.31
N ILE B 217 16.75 4.45 -16.40
CA ILE B 217 15.61 4.06 -15.58
C ILE B 217 15.95 4.43 -14.15
N ALA B 218 15.12 5.27 -13.55
CA ALA B 218 15.33 5.81 -12.22
C ALA B 218 14.30 5.21 -11.27
N PRO B 219 14.67 4.26 -10.41
CA PRO B 219 13.69 3.62 -9.54
C PRO B 219 13.57 4.35 -8.21
N GLN B 220 12.46 4.08 -7.53
CA GLN B 220 12.15 4.69 -6.23
C GLN B 220 12.93 4.05 -5.09
N HIS B 221 13.55 2.90 -5.36
CA HIS B 221 14.50 2.25 -4.47
C HIS B 221 15.69 1.80 -5.31
N GLY B 222 16.87 1.76 -4.69
CA GLY B 222 18.04 1.22 -5.36
C GLY B 222 18.85 2.22 -6.17
N ALA B 223 19.40 1.78 -7.31
CA ALA B 223 20.32 2.57 -8.11
C ALA B 223 19.73 2.84 -9.48
N VAL B 224 20.19 3.93 -10.09
CA VAL B 224 19.74 4.35 -11.41
C VAL B 224 20.45 3.52 -12.48
N PHE B 225 19.68 3.04 -13.45
CA PHE B 225 20.20 2.25 -14.56
C PHE B 225 20.67 3.16 -15.68
N ARG B 226 21.87 2.92 -16.18
CA ARG B 226 22.39 3.65 -17.32
C ARG B 226 22.92 2.66 -18.36
N GLY B 227 23.08 3.14 -19.59
CA GLY B 227 23.76 2.36 -20.61
C GLY B 227 23.04 1.06 -20.92
N GLU B 228 23.84 0.00 -21.12
CA GLU B 228 23.29 -1.29 -21.49
C GLU B 228 22.45 -1.91 -20.38
N SER B 229 22.67 -1.52 -19.11
CA SER B 229 21.90 -2.11 -18.02
C SER B 229 20.41 -1.82 -18.15
N VAL B 230 20.04 -0.73 -18.80
CA VAL B 230 18.63 -0.46 -19.07
C VAL B 230 18.04 -1.57 -19.92
N LYS B 231 18.71 -1.90 -21.02
CA LYS B 231 18.21 -2.94 -21.92
C LYS B 231 18.20 -4.29 -21.23
N LYS B 232 19.25 -4.61 -20.46
CA LYS B 232 19.28 -5.89 -19.76
C LYS B 232 18.21 -5.96 -18.70
N PHE B 233 17.92 -4.84 -18.03
CA PHE B 233 16.85 -4.85 -17.05
C PHE B 233 15.52 -5.17 -17.71
N LEU B 234 15.21 -4.48 -18.81
CA LEU B 234 13.89 -4.66 -19.44
C LEU B 234 13.70 -6.10 -19.91
N GLU B 235 14.75 -6.70 -20.49
CA GLU B 235 14.61 -8.07 -20.94
C GLU B 235 14.47 -9.02 -19.77
N TRP B 236 15.25 -8.81 -18.71
CA TRP B 236 15.12 -9.66 -17.52
C TRP B 236 13.72 -9.56 -16.92
N PHE B 237 13.22 -8.32 -16.79
CA PHE B 237 11.92 -8.09 -16.16
C PHE B 237 10.81 -8.73 -16.98
N ARG B 238 10.92 -8.66 -18.31
CA ARG B 238 9.85 -9.17 -19.17
C ARG B 238 9.63 -10.67 -18.98
N ASN B 239 10.67 -11.40 -18.58
CA ASN B 239 10.59 -12.85 -18.43
C ASN B 239 10.50 -13.30 -16.97
N LEU B 240 10.30 -12.37 -16.05
CA LEU B 240 10.38 -12.72 -14.63
C LEU B 240 9.10 -13.41 -14.16
N LYS B 241 9.25 -14.59 -13.57
CA LYS B 241 8.14 -15.23 -12.85
C LYS B 241 8.11 -14.69 -11.42
N CYS B 242 6.96 -14.16 -11.01
CA CYS B 242 6.89 -13.40 -9.78
C CYS B 242 5.48 -13.48 -9.22
N GLY B 243 5.38 -13.23 -7.91
CA GLY B 243 4.10 -12.95 -7.30
C GLY B 243 3.18 -14.14 -7.35
N VAL B 244 2.00 -13.96 -7.94
CA VAL B 244 1.03 -15.06 -7.99
C VAL B 244 1.49 -16.20 -8.88
N ASP B 245 2.46 -15.97 -9.79
CA ASP B 245 3.08 -17.08 -10.50
C ASP B 245 3.68 -18.08 -9.53
N LEU B 246 4.13 -17.60 -8.36
CA LEU B 246 4.76 -18.44 -7.35
C LEU B 246 3.88 -18.57 -6.11
N ILE B 247 2.56 -18.43 -6.27
CA ILE B 247 1.68 -18.36 -5.12
C ILE B 247 1.71 -19.66 -4.33
N ASP B 248 2.02 -20.78 -5.00
CA ASP B 248 2.09 -22.05 -4.29
C ASP B 248 3.24 -22.10 -3.30
N ASN B 249 4.20 -21.17 -3.39
CA ASN B 249 5.29 -21.05 -2.43
C ASN B 249 5.01 -20.07 -1.32
N LEU B 250 3.89 -19.33 -1.40
CA LEU B 250 3.51 -18.35 -0.38
C LEU B 250 2.49 -18.91 0.59
N TYR B 251 1.91 -20.08 0.27
CA TYR B 251 0.99 -20.79 1.12
C TYR B 251 1.58 -22.14 1.47
N SER B 252 1.23 -22.65 2.65
CA SER B 252 1.65 -24.00 2.98
C SER B 252 0.87 -24.98 2.10
N LEU B 253 1.47 -26.14 1.84
CA LEU B 253 0.75 -27.18 1.12
C LEU B 253 -0.39 -27.69 1.99
#